data_3T9E
#
_entry.id   3T9E
#
_cell.length_a   89.070
_cell.length_b   109.987
_cell.length_c   41.338
_cell.angle_alpha   90.00
_cell.angle_beta   90.00
_cell.angle_gamma   90.00
#
_symmetry.space_group_name_H-M   'P 21 21 21'
#
loop_
_entity.id
_entity.type
_entity.pdbx_description
1 polymer 'Inositol Pyrophosphate Kinase'
2 non-polymer "ADENOSINE-5'-DIPHOSPHATE"
3 non-polymer '(1r,2R,3S,4s,5R,6S)-2,3,4,5,6-pentakis(phosphonooxy)cyclohexyl trihydrogen diphosphate'
4 non-polymer 'MAGNESIUM ION'
5 non-polymer TRIFLUOROMAGNESATE
6 water water
#
_entity_poly.entity_id   1
_entity_poly.type   'polypeptide(L)'
_entity_poly.pdbx_seq_one_letter_code
;GSFTERQIVVGICSMAKKSKSKPMKEILERISLFKYITVVVFEEEVILNEPVENWPLCDCLISFHSKGFPLDKAVAYAKL
RNPFVINDLNMQYLIQDRREVYSILQAEGILLPRYAILNRDPNNPKECNLIEGEDHVEVNGEVFQKPFVEKPVSAEDHNV
YIYYPTSAGGGSQRLFRKIGSRSSVYSPESNVRKTGSYIYEEFMPTDGTDVKVYTVGPDYAHAEARKSPALDGKVERDSE
GKEVRYPVILNAREKLIAWKVCLAFKQTVCGFDLLRANGQSYVCDVNGFSFVKNSMKYYDDCAKILGNIVMRELAPQFHI
PWSIPLEAED
;
_entity_poly.pdbx_strand_id   A
#
# COMPACT_ATOMS: atom_id res chain seq x y z
N ARG A 6 16.97 6.93 -30.27
CA ARG A 6 15.54 6.53 -30.06
C ARG A 6 14.99 7.01 -28.72
N GLN A 7 13.67 6.93 -28.57
CA GLN A 7 12.95 7.25 -27.35
C GLN A 7 13.24 6.25 -26.25
N ILE A 8 13.22 6.71 -24.99
CA ILE A 8 13.27 5.80 -23.85
C ILE A 8 11.84 5.33 -23.65
N VAL A 9 11.63 4.02 -23.64
CA VAL A 9 10.29 3.47 -23.48
C VAL A 9 10.03 3.15 -22.01
N VAL A 10 8.97 3.75 -21.46
CA VAL A 10 8.49 3.36 -20.14
C VAL A 10 7.27 2.48 -20.33
N GLY A 11 7.38 1.23 -19.91
CA GLY A 11 6.27 0.31 -20.01
C GLY A 11 5.47 0.28 -18.72
N ILE A 12 4.16 0.24 -18.84
CA ILE A 12 3.27 0.17 -17.68
C ILE A 12 2.57 -1.18 -17.73
N CYS A 13 2.75 -1.97 -16.69
CA CYS A 13 2.25 -3.33 -16.68
C CYS A 13 1.45 -3.64 -15.41
N SER A 14 0.12 -3.61 -15.53
CA SER A 14 -0.80 -3.87 -14.43
C SER A 14 -2.17 -4.20 -14.99
N MET A 15 -3.05 -4.73 -14.14
CA MET A 15 -4.43 -4.99 -14.53
C MET A 15 -5.06 -3.70 -15.02
N ALA A 16 -5.98 -3.84 -15.97
CA ALA A 16 -6.62 -2.69 -16.61
C ALA A 16 -7.37 -1.80 -15.61
N LYS A 17 -7.92 -2.40 -14.57
CA LYS A 17 -8.59 -1.66 -13.47
C LYS A 17 -7.68 -0.55 -12.94
N LYS A 18 -6.39 -0.82 -12.93
CA LYS A 18 -5.40 0.16 -12.45
C LYS A 18 -4.84 0.99 -13.59
N SER A 19 -4.43 0.33 -14.68
N SER A 19 -4.41 0.35 -14.68
CA SER A 19 -3.78 1.00 -15.81
CA SER A 19 -3.73 1.07 -15.76
C SER A 19 -4.67 2.04 -16.46
C SER A 19 -4.67 2.01 -16.52
N LYS A 20 -5.98 1.79 -16.43
CA LYS A 20 -6.94 2.70 -17.05
C LYS A 20 -7.69 3.56 -16.04
N SER A 21 -7.24 3.53 -14.79
CA SER A 21 -7.85 4.36 -13.75
C SER A 21 -7.51 5.82 -14.01
N LYS A 22 -8.39 6.73 -13.59
CA LYS A 22 -8.14 8.16 -13.83
C LYS A 22 -6.79 8.65 -13.25
N PRO A 23 -6.43 8.27 -12.00
CA PRO A 23 -5.14 8.72 -11.49
C PRO A 23 -3.97 8.28 -12.38
N MET A 24 -3.99 7.03 -12.83
CA MET A 24 -2.95 6.54 -13.73
C MET A 24 -2.88 7.34 -15.02
N LYS A 25 -4.04 7.60 -15.63
CA LYS A 25 -4.07 8.32 -16.91
C LYS A 25 -3.58 9.76 -16.75
N GLU A 26 -3.89 10.38 -15.61
CA GLU A 26 -3.37 11.71 -15.29
C GLU A 26 -1.85 11.70 -15.16
N ILE A 27 -1.31 10.70 -14.49
CA ILE A 27 0.15 10.60 -14.34
C ILE A 27 0.84 10.28 -15.69
N LEU A 28 0.30 9.34 -16.44
CA LEU A 28 0.94 8.93 -17.68
C LEU A 28 0.97 10.03 -18.73
N GLU A 29 -0.11 10.83 -18.78
CA GLU A 29 -0.15 11.95 -19.71
CA GLU A 29 -0.20 11.99 -19.67
C GLU A 29 0.95 12.97 -19.40
N ARG A 30 1.27 13.13 -18.12
CA ARG A 30 2.33 14.04 -17.70
C ARG A 30 3.73 13.45 -17.96
N ILE A 31 3.89 12.16 -17.71
CA ILE A 31 5.17 11.50 -18.02
C ILE A 31 5.48 11.62 -19.52
N SER A 32 4.44 11.47 -20.34
CA SER A 32 4.58 11.60 -21.78
C SER A 32 5.07 12.98 -22.26
N LEU A 33 4.97 13.98 -21.39
CA LEU A 33 5.46 15.33 -21.71
C LEU A 33 6.98 15.39 -21.75
N PHE A 34 7.66 14.40 -21.14
CA PHE A 34 9.11 14.33 -21.26
C PHE A 34 9.47 14.08 -22.73
N LYS A 35 10.30 14.96 -23.27
CA LYS A 35 10.67 14.95 -24.69
C LYS A 35 11.15 13.59 -25.19
N TYR A 36 11.95 12.91 -24.37
CA TYR A 36 12.62 11.67 -24.77
C TYR A 36 12.00 10.40 -24.21
N ILE A 37 10.82 10.51 -23.64
CA ILE A 37 10.16 9.36 -23.06
C ILE A 37 8.89 9.05 -23.83
N THR A 38 8.69 7.78 -24.17
CA THR A 38 7.42 7.29 -24.71
C THR A 38 6.85 6.28 -23.72
N VAL A 39 5.56 6.42 -23.44
CA VAL A 39 4.85 5.54 -22.54
C VAL A 39 4.09 4.49 -23.35
N VAL A 40 4.23 3.23 -22.94
CA VAL A 40 3.51 2.13 -23.57
C VAL A 40 2.78 1.39 -22.45
N VAL A 41 1.46 1.32 -22.55
CA VAL A 41 0.65 0.63 -21.54
C VAL A 41 0.33 -0.78 -22.03
N PHE A 42 0.79 -1.82 -21.32
CA PHE A 42 0.57 -3.19 -21.74
C PHE A 42 -0.92 -3.52 -21.61
N GLU A 43 -1.52 -4.05 -22.67
CA GLU A 43 -2.94 -4.44 -22.64
C GLU A 43 -3.18 -5.58 -21.66
N GLU A 44 -4.31 -5.56 -20.95
CA GLU A 44 -4.59 -6.64 -20.01
C GLU A 44 -4.67 -7.99 -20.72
N GLU A 45 -5.27 -8.04 -21.91
CA GLU A 45 -5.37 -9.32 -22.65
C GLU A 45 -3.97 -9.88 -22.93
N VAL A 46 -3.02 -9.00 -23.19
CA VAL A 46 -1.64 -9.42 -23.45
C VAL A 46 -0.97 -9.95 -22.19
N ILE A 47 -1.11 -9.21 -21.10
CA ILE A 47 -0.59 -9.61 -19.81
C ILE A 47 -1.11 -10.99 -19.41
N LEU A 48 -2.42 -11.19 -19.54
CA LEU A 48 -3.02 -12.45 -19.10
C LEU A 48 -2.79 -13.62 -20.06
N ASN A 49 -2.89 -13.36 -21.36
CA ASN A 49 -2.95 -14.45 -22.35
C ASN A 49 -1.71 -14.66 -23.23
N GLU A 50 -0.87 -13.64 -23.38
CA GLU A 50 0.32 -13.79 -24.22
C GLU A 50 1.52 -14.20 -23.39
N PRO A 51 2.39 -15.06 -23.94
CA PRO A 51 3.66 -15.37 -23.33
C PRO A 51 4.50 -14.11 -23.19
N VAL A 52 5.33 -14.04 -22.18
CA VAL A 52 6.09 -12.81 -21.88
C VAL A 52 7.01 -12.42 -23.04
N GLU A 53 7.43 -13.42 -23.82
CA GLU A 53 8.25 -13.19 -25.02
C GLU A 53 7.56 -12.31 -26.07
N ASN A 54 6.22 -12.24 -26.01
CA ASN A 54 5.46 -11.38 -26.92
C ASN A 54 5.05 -10.04 -26.33
N TRP A 55 5.33 -9.82 -25.05
CA TRP A 55 4.99 -8.52 -24.42
C TRP A 55 5.86 -7.45 -25.06
N PRO A 56 5.36 -6.19 -25.11
CA PRO A 56 6.16 -5.10 -25.66
C PRO A 56 7.46 -4.91 -24.90
N LEU A 57 8.48 -4.46 -25.61
CA LEU A 57 9.75 -4.08 -25.01
C LEU A 57 9.59 -2.78 -24.25
N CYS A 58 10.40 -2.61 -23.21
CA CYS A 58 10.55 -1.31 -22.58
C CYS A 58 11.93 -1.22 -21.95
N ASP A 59 12.36 0.01 -21.70
CA ASP A 59 13.65 0.25 -21.09
C ASP A 59 13.49 0.44 -19.58
N CYS A 60 12.31 0.92 -19.19
CA CYS A 60 11.96 1.11 -17.80
C CYS A 60 10.56 0.49 -17.59
N LEU A 61 10.43 -0.31 -16.55
CA LEU A 61 9.19 -1.02 -16.30
C LEU A 61 8.51 -0.54 -15.01
N ILE A 62 7.28 -0.11 -15.12
CA ILE A 62 6.49 0.20 -13.94
C ILE A 62 5.40 -0.86 -13.92
N SER A 63 5.48 -1.74 -12.94
CA SER A 63 4.59 -2.90 -12.89
C SER A 63 4.29 -3.23 -11.44
N PHE A 64 3.04 -3.61 -11.15
CA PHE A 64 2.64 -3.85 -9.77
C PHE A 64 1.44 -4.79 -9.70
N HIS A 65 1.45 -5.63 -8.68
CA HIS A 65 0.40 -6.59 -8.40
C HIS A 65 -0.87 -5.93 -7.88
N SER A 66 -2.00 -6.46 -8.32
CA SER A 66 -3.31 -6.21 -7.72
C SER A 66 -4.10 -7.48 -8.00
N LYS A 67 -5.33 -7.57 -7.51
CA LYS A 67 -6.11 -8.80 -7.69
C LYS A 67 -6.14 -9.30 -9.16
N GLY A 68 -5.78 -10.57 -9.35
CA GLY A 68 -5.84 -11.21 -10.67
C GLY A 68 -4.57 -11.05 -11.51
N PHE A 69 -3.59 -10.29 -11.01
CA PHE A 69 -2.35 -10.01 -11.76
C PHE A 69 -1.41 -11.20 -11.71
N PRO A 70 -0.90 -11.64 -12.88
CA PRO A 70 0.03 -12.76 -12.84
C PRO A 70 1.46 -12.29 -12.54
N LEU A 71 1.76 -12.12 -11.25
CA LEU A 71 3.06 -11.61 -10.83
C LEU A 71 4.23 -12.47 -11.35
N ASP A 72 4.00 -13.79 -11.44
CA ASP A 72 5.03 -14.71 -11.96
C ASP A 72 5.46 -14.31 -13.38
N LYS A 73 4.51 -13.92 -14.21
CA LYS A 73 4.78 -13.50 -15.58
C LYS A 73 5.58 -12.19 -15.61
N ALA A 74 5.18 -11.22 -14.79
CA ALA A 74 5.89 -9.94 -14.69
C ALA A 74 7.35 -10.16 -14.31
N VAL A 75 7.58 -11.01 -13.31
CA VAL A 75 8.93 -11.36 -12.88
C VAL A 75 9.71 -12.00 -14.03
N ALA A 76 9.06 -12.94 -14.73
CA ALA A 76 9.70 -13.60 -15.90
C ALA A 76 10.00 -12.61 -17.02
N TYR A 77 9.08 -11.67 -17.27
CA TYR A 77 9.32 -10.60 -18.26
C TYR A 77 10.53 -9.74 -17.90
N ALA A 78 10.59 -9.33 -16.63
CA ALA A 78 11.69 -8.49 -16.16
C ALA A 78 13.01 -9.24 -16.26
N LYS A 79 12.96 -10.55 -15.98
CA LYS A 79 14.16 -11.38 -16.10
C LYS A 79 14.60 -11.44 -17.56
N LEU A 80 13.63 -11.67 -18.45
CA LEU A 80 13.90 -11.77 -19.88
C LEU A 80 14.49 -10.49 -20.46
N ARG A 81 13.88 -9.35 -20.14
CA ARG A 81 14.22 -8.08 -20.82
C ARG A 81 15.20 -7.18 -20.05
N ASN A 82 15.43 -7.50 -18.77
CA ASN A 82 16.29 -6.69 -17.87
C ASN A 82 16.06 -5.16 -17.92
N PRO A 83 14.79 -4.72 -17.84
CA PRO A 83 14.54 -3.27 -17.82
C PRO A 83 14.91 -2.68 -16.46
N PHE A 84 15.04 -1.35 -16.41
CA PHE A 84 15.13 -0.62 -15.14
C PHE A 84 13.76 -0.71 -14.46
N VAL A 85 13.73 -1.28 -13.26
CA VAL A 85 12.48 -1.55 -12.57
C VAL A 85 12.19 -0.52 -11.47
N ILE A 86 11.04 0.15 -11.57
CA ILE A 86 10.66 1.24 -10.64
C ILE A 86 10.19 0.69 -9.28
N ASN A 87 9.30 -0.28 -9.34
CA ASN A 87 8.80 -0.98 -8.15
C ASN A 87 9.22 -2.44 -8.28
N ASP A 88 10.06 -2.89 -7.36
CA ASP A 88 10.62 -4.23 -7.38
C ASP A 88 9.51 -5.28 -7.36
N LEU A 89 9.59 -6.25 -8.27
CA LEU A 89 8.54 -7.24 -8.43
C LEU A 89 8.58 -8.36 -7.40
N ASN A 90 9.77 -8.85 -7.04
CA ASN A 90 9.83 -9.95 -6.05
C ASN A 90 9.32 -9.52 -4.67
N MET A 91 9.55 -8.26 -4.30
N MET A 91 9.55 -8.26 -4.31
CA MET A 91 9.04 -7.74 -3.04
CA MET A 91 9.04 -7.72 -3.05
C MET A 91 7.50 -7.75 -3.00
C MET A 91 7.51 -7.70 -3.01
N GLN A 92 6.88 -7.69 -4.18
CA GLN A 92 5.41 -7.68 -4.26
C GLN A 92 4.72 -8.99 -3.84
N TYR A 93 5.49 -10.09 -3.82
CA TYR A 93 5.02 -11.33 -3.18
C TYR A 93 4.92 -11.12 -1.67
N LEU A 94 5.94 -10.50 -1.08
CA LEU A 94 5.97 -10.27 0.37
C LEU A 94 4.94 -9.28 0.85
N ILE A 95 4.69 -8.24 0.03
CA ILE A 95 3.67 -7.24 0.34
C ILE A 95 2.26 -7.85 0.48
N GLN A 96 2.04 -8.99 -0.18
CA GLN A 96 0.77 -9.73 -0.04
C GLN A 96 0.56 -10.40 1.33
N ASP A 97 1.61 -10.44 2.15
CA ASP A 97 1.57 -11.18 3.41
C ASP A 97 1.88 -10.20 4.55
N ARG A 98 0.87 -9.92 5.38
N ARG A 98 0.86 -9.92 5.38
CA ARG A 98 1.03 -8.96 6.49
CA ARG A 98 1.01 -8.97 6.48
C ARG A 98 2.19 -9.35 7.40
C ARG A 98 2.15 -9.35 7.43
N ARG A 99 2.40 -10.65 7.58
CA ARG A 99 3.50 -11.14 8.42
C ARG A 99 4.85 -10.71 7.88
N GLU A 100 5.00 -10.79 6.56
CA GLU A 100 6.26 -10.40 5.90
C GLU A 100 6.44 -8.90 5.97
N VAL A 101 5.34 -8.16 5.79
CA VAL A 101 5.37 -6.69 5.87
C VAL A 101 5.83 -6.27 7.25
N TYR A 102 5.23 -6.85 8.29
CA TYR A 102 5.60 -6.48 9.67
C TYR A 102 7.05 -6.83 10.02
N SER A 103 7.49 -7.98 9.53
CA SER A 103 8.87 -8.41 9.73
C SER A 103 9.88 -7.41 9.15
N ILE A 104 9.57 -6.87 7.97
CA ILE A 104 10.45 -5.90 7.31
C ILE A 104 10.47 -4.58 8.08
N LEU A 105 9.30 -4.12 8.50
CA LEU A 105 9.20 -2.89 9.29
C LEU A 105 10.04 -2.98 10.56
N GLN A 106 9.98 -4.13 11.22
CA GLN A 106 10.76 -4.35 12.44
C GLN A 106 12.25 -4.33 12.13
N ALA A 107 12.64 -5.02 11.06
CA ALA A 107 14.03 -5.09 10.66
C ALA A 107 14.61 -3.70 10.36
N GLU A 108 13.75 -2.76 9.94
CA GLU A 108 14.16 -1.39 9.63
C GLU A 108 14.03 -0.41 10.78
N GLY A 109 13.69 -0.91 11.96
CA GLY A 109 13.55 -0.04 13.13
C GLY A 109 12.39 0.94 13.00
N ILE A 110 11.32 0.52 12.33
CA ILE A 110 10.15 1.36 12.13
C ILE A 110 9.13 1.02 13.21
N LEU A 111 8.66 2.03 13.93
CA LEU A 111 7.65 1.82 14.97
C LEU A 111 6.39 1.26 14.34
N LEU A 112 5.83 0.23 14.98
CA LEU A 112 4.58 -0.38 14.53
C LEU A 112 3.89 -0.94 15.78
N PRO A 113 2.58 -1.28 15.67
CA PRO A 113 1.89 -1.80 16.84
C PRO A 113 2.55 -3.08 17.38
N ARG A 114 2.61 -3.22 18.71
CA ARG A 114 3.01 -4.49 19.29
C ARG A 114 2.06 -5.55 18.74
N TYR A 115 2.61 -6.66 18.29
CA TYR A 115 1.77 -7.66 17.61
C TYR A 115 2.25 -9.09 17.83
N ALA A 116 1.36 -10.04 17.57
CA ALA A 116 1.74 -11.44 17.56
C ALA A 116 0.97 -12.18 16.47
N ILE A 117 1.61 -13.21 15.90
CA ILE A 117 1.04 -13.94 14.79
C ILE A 117 0.44 -15.24 15.28
N LEU A 118 -0.84 -15.42 14.99
CA LEU A 118 -1.49 -16.71 15.22
C LEU A 118 -1.62 -17.49 13.91
N ASN A 119 -0.73 -18.45 13.68
CA ASN A 119 -0.86 -19.34 12.51
C ASN A 119 -1.68 -20.58 12.86
N ARG A 120 -2.75 -20.80 12.12
CA ARG A 120 -3.59 -21.98 12.29
C ARG A 120 -3.39 -22.96 11.15
N ASP A 121 -3.20 -24.23 11.53
CA ASP A 121 -3.26 -25.34 10.57
C ASP A 121 -4.74 -25.62 10.32
N PRO A 122 -5.24 -25.36 9.09
CA PRO A 122 -6.68 -25.52 8.85
C PRO A 122 -7.17 -26.95 9.11
N ASN A 123 -6.27 -27.93 8.96
CA ASN A 123 -6.55 -29.34 9.29
C ASN A 123 -6.86 -29.54 10.77
N ASN A 124 -6.01 -28.99 11.64
CA ASN A 124 -6.26 -29.01 13.08
C ASN A 124 -6.24 -27.59 13.68
N PRO A 125 -7.39 -26.90 13.63
CA PRO A 125 -7.53 -25.47 13.99
C PRO A 125 -7.55 -25.16 15.50
N LYS A 126 -7.88 -26.16 16.32
CA LYS A 126 -7.89 -25.98 17.77
C LYS A 126 -6.50 -26.22 18.40
N GLU A 127 -5.56 -26.72 17.60
CA GLU A 127 -4.17 -26.96 18.03
C GLU A 127 -3.30 -25.69 18.09
N CYS A 128 -3.88 -24.53 17.79
CA CYS A 128 -3.15 -23.27 17.74
C CYS A 128 -2.92 -22.65 19.12
N ASN A 129 -1.95 -21.74 19.20
CA ASN A 129 -1.55 -21.14 20.48
C ASN A 129 -2.39 -19.93 20.87
N LEU A 130 -3.71 -20.11 20.94
CA LEU A 130 -4.61 -19.04 21.34
C LEU A 130 -5.41 -19.39 22.59
N ILE A 131 -5.39 -18.48 23.57
CA ILE A 131 -6.26 -18.55 24.74
C ILE A 131 -7.08 -17.28 24.77
N GLU A 132 -8.38 -17.44 24.93
CA GLU A 132 -9.29 -16.31 24.92
C GLU A 132 -9.95 -16.11 26.27
N GLY A 133 -9.90 -14.89 26.77
CA GLY A 133 -10.73 -14.46 27.88
C GLY A 133 -11.73 -13.43 27.39
N GLU A 134 -12.59 -12.98 28.29
CA GLU A 134 -13.58 -11.94 28.02
C GLU A 134 -13.00 -10.62 27.48
N ASP A 135 -11.92 -10.13 28.11
CA ASP A 135 -11.34 -8.84 27.74
C ASP A 135 -9.91 -8.90 27.23
N HIS A 136 -9.46 -10.09 26.83
CA HIS A 136 -8.12 -10.27 26.30
C HIS A 136 -7.98 -11.57 25.52
N VAL A 137 -6.91 -11.65 24.74
CA VAL A 137 -6.46 -12.89 24.14
C VAL A 137 -4.98 -13.06 24.52
N GLU A 138 -4.53 -14.30 24.48
CA GLU A 138 -3.12 -14.62 24.65
C GLU A 138 -2.71 -15.37 23.41
N VAL A 139 -1.76 -14.81 22.68
CA VAL A 139 -1.31 -15.37 21.40
C VAL A 139 0.16 -15.75 21.58
N ASN A 140 0.47 -17.04 21.46
CA ASN A 140 1.83 -17.52 21.79
C ASN A 140 2.29 -17.00 23.16
N GLY A 141 1.37 -16.96 24.12
CA GLY A 141 1.68 -16.52 25.48
C GLY A 141 1.64 -15.03 25.69
N GLU A 142 1.57 -14.25 24.60
CA GLU A 142 1.53 -12.80 24.72
C GLU A 142 0.12 -12.27 24.86
N VAL A 143 -0.06 -11.40 25.84
CA VAL A 143 -1.37 -10.89 26.23
C VAL A 143 -1.72 -9.60 25.49
N PHE A 144 -2.89 -9.60 24.87
CA PHE A 144 -3.47 -8.41 24.26
C PHE A 144 -4.80 -8.10 24.94
N GLN A 145 -4.80 -7.04 25.73
CA GLN A 145 -6.02 -6.56 26.37
C GLN A 145 -6.86 -5.83 25.31
N LYS A 146 -8.18 -5.96 25.39
CA LYS A 146 -9.07 -5.15 24.54
C LYS A 146 -8.96 -3.69 24.95
N PRO A 147 -8.99 -2.75 23.98
CA PRO A 147 -9.16 -3.00 22.53
C PRO A 147 -7.93 -3.59 21.86
N PHE A 148 -8.15 -4.54 20.97
CA PHE A 148 -7.07 -5.04 20.11
C PHE A 148 -7.58 -5.24 18.67
N VAL A 149 -6.66 -5.43 17.74
CA VAL A 149 -6.98 -5.50 16.34
C VAL A 149 -6.58 -6.88 15.83
N GLU A 150 -7.41 -7.42 14.94
CA GLU A 150 -7.21 -8.74 14.38
C GLU A 150 -7.25 -8.66 12.85
N LYS A 151 -6.11 -9.00 12.21
CA LYS A 151 -5.97 -8.86 10.76
C LYS A 151 -5.68 -10.19 10.11
N PRO A 152 -6.40 -10.52 9.02
CA PRO A 152 -6.07 -11.71 8.24
C PRO A 152 -4.60 -11.64 7.83
N VAL A 153 -3.87 -12.75 7.88
CA VAL A 153 -2.48 -12.70 7.43
C VAL A 153 -2.36 -12.27 5.96
N SER A 154 -3.38 -12.54 5.14
CA SER A 154 -3.37 -12.03 3.76
C SER A 154 -3.62 -10.51 3.71
N ALA A 155 -2.62 -9.76 3.24
CA ALA A 155 -2.77 -8.30 3.09
C ALA A 155 -3.87 -7.91 2.09
N GLU A 156 -4.26 -8.86 1.23
CA GLU A 156 -5.32 -8.63 0.26
C GLU A 156 -6.71 -8.91 0.83
N ASP A 157 -6.76 -9.40 2.08
CA ASP A 157 -8.02 -9.62 2.79
C ASP A 157 -8.23 -8.45 3.76
N HIS A 158 -9.24 -7.64 3.47
CA HIS A 158 -9.47 -6.38 4.20
C HIS A 158 -10.48 -6.50 5.33
N ASN A 159 -10.79 -7.74 5.71
CA ASN A 159 -11.71 -8.01 6.81
C ASN A 159 -11.00 -7.92 8.15
N VAL A 160 -10.69 -6.68 8.54
CA VAL A 160 -9.96 -6.37 9.76
C VAL A 160 -10.99 -6.12 10.87
N TYR A 161 -10.83 -6.79 12.01
CA TYR A 161 -11.76 -6.63 13.11
C TYR A 161 -11.10 -5.97 14.31
N ILE A 162 -11.86 -5.11 14.98
CA ILE A 162 -11.44 -4.49 16.23
C ILE A 162 -12.36 -4.98 17.34
N TYR A 163 -11.78 -5.37 18.47
CA TYR A 163 -12.54 -5.92 19.59
C TYR A 163 -12.55 -4.96 20.77
N TYR A 164 -13.76 -4.59 21.21
CA TYR A 164 -13.93 -3.61 22.28
C TYR A 164 -13.98 -4.25 23.66
N PRO A 165 -13.40 -3.58 24.66
CA PRO A 165 -13.48 -4.13 26.01
C PRO A 165 -14.88 -4.02 26.59
N THR A 166 -15.19 -4.89 27.55
CA THR A 166 -16.46 -4.84 28.31
C THR A 166 -16.78 -3.44 28.79
N SER A 167 -15.77 -2.73 29.31
CA SER A 167 -15.92 -1.34 29.79
C SER A 167 -16.52 -0.37 28.76
N ALA A 168 -16.39 -0.71 27.47
CA ALA A 168 -16.89 0.12 26.38
C ALA A 168 -18.10 -0.49 25.69
N GLY A 169 -18.62 -1.58 26.25
CA GLY A 169 -19.80 -2.25 25.69
C GLY A 169 -19.53 -3.53 24.94
N GLY A 170 -18.26 -3.92 24.79
CA GLY A 170 -17.94 -5.20 24.15
C GLY A 170 -18.29 -5.19 22.68
N GLY A 171 -18.38 -6.39 22.09
CA GLY A 171 -18.64 -6.51 20.68
C GLY A 171 -17.40 -6.16 19.87
N SER A 172 -17.59 -5.89 18.59
CA SER A 172 -16.46 -5.72 17.69
C SER A 172 -16.85 -4.83 16.53
N GLN A 173 -15.86 -4.25 15.88
CA GLN A 173 -16.10 -3.48 14.67
C GLN A 173 -15.48 -4.28 13.52
N ARG A 174 -16.27 -4.55 12.50
CA ARG A 174 -15.80 -5.31 11.34
C ARG A 174 -15.57 -4.40 10.15
N LEU A 175 -14.31 -4.22 9.78
CA LEU A 175 -13.96 -3.34 8.67
C LEU A 175 -13.93 -4.15 7.38
N PHE A 176 -14.10 -3.48 6.25
CA PHE A 176 -14.07 -4.16 4.96
C PHE A 176 -13.82 -3.16 3.85
N ARG A 177 -13.46 -3.66 2.68
CA ARG A 177 -13.37 -2.84 1.49
C ARG A 177 -14.69 -2.08 1.36
N LYS A 178 -14.60 -0.77 1.21
CA LYS A 178 -15.79 0.09 1.19
C LYS A 178 -16.84 -0.42 0.22
N ILE A 179 -18.08 -0.42 0.70
CA ILE A 179 -19.23 -0.68 -0.15
C ILE A 179 -20.08 0.58 -0.02
N GLY A 180 -20.14 1.35 -1.10
CA GLY A 180 -20.88 2.62 -1.13
C GLY A 180 -20.48 3.51 0.03
N SER A 181 -21.45 3.81 0.90
CA SER A 181 -21.26 4.77 1.97
C SER A 181 -20.74 4.18 3.30
N ARG A 182 -20.37 2.90 3.30
N ARG A 182 -20.32 2.92 3.28
CA ARG A 182 -19.91 2.24 4.54
CA ARG A 182 -19.92 2.22 4.50
C ARG A 182 -18.56 1.52 4.44
C ARG A 182 -18.54 1.56 4.42
N SER A 183 -17.77 1.64 5.51
CA SER A 183 -16.42 1.11 5.59
C SER A 183 -16.28 0.12 6.75
N SER A 184 -17.28 0.05 7.61
CA SER A 184 -17.29 -0.91 8.71
C SER A 184 -18.68 -1.04 9.32
N VAL A 185 -18.86 -2.07 10.13
N VAL A 185 -18.86 -2.06 10.15
CA VAL A 185 -20.11 -2.26 10.84
CA VAL A 185 -20.14 -2.31 10.82
C VAL A 185 -19.82 -2.82 12.24
C VAL A 185 -19.92 -2.95 12.20
N TYR A 186 -20.65 -2.45 13.21
CA TYR A 186 -20.58 -3.00 14.55
C TYR A 186 -21.24 -4.38 14.59
N SER A 187 -20.60 -5.26 15.34
CA SER A 187 -21.15 -6.58 15.63
C SER A 187 -21.19 -6.81 17.13
N PRO A 188 -22.28 -7.44 17.62
CA PRO A 188 -22.35 -7.85 19.03
C PRO A 188 -21.36 -8.95 19.38
N GLU A 189 -20.77 -9.62 18.38
CA GLU A 189 -19.81 -10.68 18.62
C GLU A 189 -18.57 -10.17 19.35
N SER A 190 -18.24 -10.82 20.46
CA SER A 190 -17.11 -10.43 21.30
C SER A 190 -15.94 -11.42 21.18
N ASN A 191 -16.22 -12.62 20.72
CA ASN A 191 -15.17 -13.63 20.59
C ASN A 191 -14.47 -13.51 19.25
N VAL A 192 -13.16 -13.77 19.24
CA VAL A 192 -12.35 -13.71 18.02
C VAL A 192 -12.74 -14.79 17.01
N ARG A 193 -12.26 -14.63 15.77
CA ARG A 193 -12.58 -15.57 14.72
C ARG A 193 -11.96 -16.93 14.98
N LYS A 194 -12.73 -17.97 14.70
CA LYS A 194 -12.36 -19.34 15.06
C LYS A 194 -11.51 -20.04 14.01
N THR A 195 -11.64 -19.59 12.76
CA THR A 195 -10.86 -20.19 11.66
C THR A 195 -10.06 -19.11 10.94
N GLY A 196 -8.94 -19.51 10.35
CA GLY A 196 -8.03 -18.58 9.67
C GLY A 196 -6.80 -18.27 10.49
N SER A 197 -5.80 -17.69 9.82
CA SER A 197 -4.60 -17.19 10.51
C SER A 197 -4.65 -15.67 10.58
N TYR A 198 -4.23 -15.12 11.72
CA TYR A 198 -4.36 -13.70 11.97
C TYR A 198 -3.14 -13.10 12.64
N ILE A 199 -3.00 -11.79 12.46
CA ILE A 199 -2.11 -11.02 13.29
C ILE A 199 -2.96 -10.34 14.33
N TYR A 200 -2.57 -10.45 15.60
CA TYR A 200 -3.20 -9.71 16.69
C TYR A 200 -2.28 -8.56 17.06
N GLU A 201 -2.85 -7.36 17.22
CA GLU A 201 -2.06 -6.21 17.60
C GLU A 201 -2.77 -5.24 18.52
N GLU A 202 -1.97 -4.52 19.31
CA GLU A 202 -2.42 -3.43 20.15
C GLU A 202 -3.17 -2.40 19.33
N PHE A 203 -4.29 -1.92 19.88
CA PHE A 203 -5.02 -0.80 19.29
C PHE A 203 -4.29 0.50 19.63
N MET A 204 -3.98 1.29 18.60
CA MET A 204 -3.30 2.57 18.80
C MET A 204 -4.35 3.68 18.79
N PRO A 205 -4.49 4.43 19.90
CA PRO A 205 -5.52 5.47 19.88
C PRO A 205 -5.11 6.70 19.11
N THR A 206 -5.82 7.00 18.04
CA THR A 206 -5.55 8.21 17.25
C THR A 206 -6.63 9.25 17.57
N ASP A 207 -6.57 10.40 16.92
CA ASP A 207 -7.62 11.41 17.06
C ASP A 207 -8.87 11.09 16.22
N GLY A 208 -8.96 9.87 15.71
CA GLY A 208 -10.10 9.48 14.87
C GLY A 208 -9.84 9.60 13.37
N THR A 209 -8.57 9.76 12.99
CA THR A 209 -8.17 9.75 11.59
C THR A 209 -6.98 8.80 11.33
N ASP A 210 -6.95 8.27 10.11
CA ASP A 210 -5.80 7.53 9.57
C ASP A 210 -4.99 8.53 8.77
N VAL A 211 -3.67 8.39 8.75
CA VAL A 211 -2.85 9.18 7.81
C VAL A 211 -2.41 8.27 6.68
N LYS A 212 -2.77 8.62 5.45
CA LYS A 212 -2.40 7.86 4.26
C LYS A 212 -1.20 8.54 3.61
N VAL A 213 -0.11 7.79 3.50
CA VAL A 213 1.10 8.32 2.90
C VAL A 213 1.36 7.70 1.52
N TYR A 214 1.84 8.51 0.59
CA TYR A 214 2.09 8.07 -0.77
C TYR A 214 3.46 8.58 -1.19
N THR A 215 4.42 7.67 -1.35
CA THR A 215 5.79 8.06 -1.69
C THR A 215 5.98 8.08 -3.20
N VAL A 216 6.87 8.95 -3.68
CA VAL A 216 7.37 8.83 -5.05
C VAL A 216 8.88 8.93 -4.91
N GLY A 217 9.52 7.78 -4.73
CA GLY A 217 10.93 7.75 -4.40
C GLY A 217 11.12 8.12 -2.94
N PRO A 218 12.34 7.95 -2.43
CA PRO A 218 12.51 8.03 -0.98
C PRO A 218 12.46 9.45 -0.41
N ASP A 219 12.58 10.45 -1.27
CA ASP A 219 12.64 11.84 -0.82
C ASP A 219 11.37 12.66 -1.07
N TYR A 220 10.30 12.00 -1.51
CA TYR A 220 9.02 12.67 -1.70
C TYR A 220 7.91 11.84 -1.09
N ALA A 221 7.05 12.47 -0.31
CA ALA A 221 5.85 11.76 0.15
C ALA A 221 4.70 12.73 0.30
N HIS A 222 3.55 12.38 -0.29
CA HIS A 222 2.33 13.13 -0.07
C HIS A 222 1.50 12.40 1.00
N ALA A 223 1.00 13.15 1.99
CA ALA A 223 0.15 12.57 3.03
C ALA A 223 -1.20 13.27 3.07
N GLU A 224 -2.22 12.53 3.50
CA GLU A 224 -3.58 13.07 3.67
C GLU A 224 -4.31 12.23 4.68
N ALA A 225 -5.29 12.81 5.35
CA ALA A 225 -5.96 12.09 6.44
C ALA A 225 -7.39 11.81 6.08
N ARG A 226 -7.94 10.76 6.67
CA ARG A 226 -9.35 10.42 6.50
C ARG A 226 -9.88 9.78 7.77
N LYS A 227 -11.19 9.89 7.97
CA LYS A 227 -11.86 9.40 9.16
C LYS A 227 -11.56 7.92 9.32
N SER A 228 -11.25 7.51 10.55
CA SER A 228 -10.92 6.11 10.81
C SER A 228 -12.14 5.26 10.46
N PRO A 229 -11.95 4.22 9.62
CA PRO A 229 -13.09 3.45 9.13
C PRO A 229 -13.89 2.79 10.25
N ALA A 230 -13.20 2.45 11.34
CA ALA A 230 -13.83 1.83 12.51
C ALA A 230 -14.70 2.76 13.38
N LEU A 231 -14.49 4.07 13.29
CA LEU A 231 -15.17 5.03 14.16
C LEU A 231 -16.67 4.76 14.21
N ASP A 232 -17.36 4.87 13.07
CA ASP A 232 -18.76 4.42 12.99
C ASP A 232 -19.07 3.70 11.67
N GLY A 233 -18.12 3.76 10.74
CA GLY A 233 -18.26 3.07 9.46
C GLY A 233 -18.98 3.85 8.38
N LYS A 234 -19.46 5.05 8.67
CA LYS A 234 -20.05 5.89 7.64
C LYS A 234 -18.96 6.69 6.92
N VAL A 235 -18.84 6.47 5.61
CA VAL A 235 -17.83 7.15 4.83
C VAL A 235 -18.25 8.62 4.63
N GLU A 236 -17.31 9.55 4.81
CA GLU A 236 -17.56 10.95 4.49
C GLU A 236 -17.30 11.13 3.00
N ARG A 237 -18.34 11.52 2.26
CA ARG A 237 -18.23 11.69 0.81
C ARG A 237 -18.40 13.18 0.45
N ASP A 238 -17.70 13.64 -0.57
CA ASP A 238 -17.90 14.98 -1.13
C ASP A 238 -18.94 14.99 -2.27
N SER A 239 -19.27 16.17 -2.78
CA SER A 239 -20.28 16.32 -3.83
C SER A 239 -19.91 15.61 -5.15
N GLU A 240 -18.64 15.21 -5.29
CA GLU A 240 -18.18 14.41 -6.43
C GLU A 240 -18.13 12.89 -6.13
N GLY A 241 -18.53 12.51 -4.92
CA GLY A 241 -18.52 11.10 -4.51
C GLY A 241 -17.19 10.58 -4.00
N LYS A 242 -16.20 11.46 -3.89
CA LYS A 242 -14.89 11.06 -3.36
C LYS A 242 -14.89 11.11 -1.83
N GLU A 243 -14.09 10.24 -1.22
CA GLU A 243 -13.90 10.27 0.22
C GLU A 243 -13.25 11.60 0.58
N VAL A 244 -13.79 12.25 1.61
CA VAL A 244 -13.24 13.48 2.15
C VAL A 244 -11.84 13.19 2.73
N ARG A 245 -10.85 13.93 2.23
CA ARG A 245 -9.46 13.80 2.64
C ARG A 245 -9.02 15.13 3.27
N TYR A 246 -8.30 15.05 4.39
CA TYR A 246 -7.89 16.22 5.17
C TYR A 246 -6.39 16.49 5.04
N PRO A 247 -5.97 17.77 5.23
CA PRO A 247 -4.57 18.13 5.02
C PRO A 247 -3.65 17.53 6.07
N VAL A 248 -2.49 17.08 5.61
CA VAL A 248 -1.45 16.56 6.50
C VAL A 248 -0.11 17.04 5.96
N ILE A 249 0.74 17.42 6.89
CA ILE A 249 2.16 17.65 6.62
C ILE A 249 2.94 16.73 7.54
N LEU A 250 3.78 15.89 6.96
CA LEU A 250 4.57 14.95 7.76
C LEU A 250 5.66 15.69 8.52
N ASN A 251 5.88 15.31 9.78
CA ASN A 251 6.99 15.83 10.58
C ASN A 251 8.29 15.15 10.15
N ALA A 252 9.39 15.50 10.82
CA ALA A 252 10.72 14.98 10.42
C ALA A 252 10.78 13.46 10.62
N ARG A 253 10.25 12.98 11.74
CA ARG A 253 10.24 11.55 12.00
C ARG A 253 9.49 10.80 10.89
N GLU A 254 8.35 11.36 10.46
CA GLU A 254 7.50 10.69 9.49
C GLU A 254 8.08 10.71 8.07
N LYS A 255 8.79 11.78 7.76
CA LYS A 255 9.48 11.88 6.47
C LYS A 255 10.57 10.80 6.41
N LEU A 256 11.23 10.57 7.54
CA LEU A 256 12.21 9.48 7.64
C LEU A 256 11.53 8.13 7.49
N ILE A 257 10.38 7.95 8.15
CA ILE A 257 9.65 6.69 7.98
C ILE A 257 9.35 6.42 6.52
N ALA A 258 8.90 7.44 5.80
CA ALA A 258 8.58 7.29 4.38
C ALA A 258 9.80 6.88 3.57
N TRP A 259 10.94 7.48 3.87
CA TRP A 259 12.21 7.15 3.20
C TRP A 259 12.55 5.68 3.43
N LYS A 260 12.44 5.23 4.68
CA LYS A 260 12.73 3.84 5.03
C LYS A 260 11.79 2.85 4.34
N VAL A 261 10.49 3.19 4.31
CA VAL A 261 9.50 2.26 3.75
C VAL A 261 9.76 2.10 2.26
N CYS A 262 9.94 3.23 1.59
CA CYS A 262 10.17 3.23 0.16
C CYS A 262 11.38 2.34 -0.18
N LEU A 263 12.48 2.52 0.56
CA LEU A 263 13.70 1.78 0.28
C LEU A 263 13.64 0.31 0.70
N ALA A 264 13.09 0.04 1.88
CA ALA A 264 13.06 -1.32 2.42
C ALA A 264 12.20 -2.24 1.57
N PHE A 265 11.10 -1.71 1.03
CA PHE A 265 10.23 -2.49 0.19
C PHE A 265 10.58 -2.35 -1.29
N LYS A 266 11.54 -1.47 -1.59
CA LYS A 266 12.01 -1.23 -2.95
C LYS A 266 10.85 -0.89 -3.87
N GLN A 267 9.87 -0.12 -3.36
CA GLN A 267 8.73 0.34 -4.14
C GLN A 267 8.85 1.87 -4.25
N THR A 268 9.30 2.35 -5.40
CA THR A 268 9.44 3.79 -5.62
C THR A 268 8.12 4.51 -5.31
N VAL A 269 7.04 3.98 -5.90
CA VAL A 269 5.69 4.47 -5.66
C VAL A 269 5.07 3.54 -4.62
N CYS A 270 4.84 4.06 -3.42
CA CYS A 270 4.45 3.18 -2.31
C CYS A 270 3.47 3.86 -1.37
N GLY A 271 2.33 3.23 -1.18
CA GLY A 271 1.38 3.72 -0.20
C GLY A 271 1.57 2.95 1.11
N PHE A 272 1.48 3.69 2.21
CA PHE A 272 1.43 3.07 3.54
C PHE A 272 0.63 3.95 4.50
N ASP A 273 0.23 3.37 5.64
CA ASP A 273 -0.66 4.04 6.59
C ASP A 273 0.07 4.29 7.90
N LEU A 274 -0.10 5.49 8.42
CA LEU A 274 0.42 5.88 9.73
C LEU A 274 -0.72 6.12 10.73
N LEU A 275 -0.52 5.63 11.94
CA LEU A 275 -1.38 5.96 13.07
C LEU A 275 -0.63 6.92 13.97
N ARG A 276 -1.15 8.14 14.08
CA ARG A 276 -0.56 9.16 14.95
C ARG A 276 -1.13 8.95 16.34
N ALA A 277 -0.30 8.39 17.23
CA ALA A 277 -0.77 7.95 18.53
C ALA A 277 0.32 8.13 19.58
N ASN A 278 -0.09 8.64 20.74
CA ASN A 278 0.81 8.76 21.90
C ASN A 278 2.12 9.52 21.59
N GLY A 279 2.03 10.54 20.76
CA GLY A 279 3.19 11.37 20.41
C GLY A 279 4.18 10.75 19.43
N GLN A 280 3.82 9.60 18.83
CA GLN A 280 4.67 8.95 17.82
C GLN A 280 3.81 8.58 16.62
N SER A 281 4.43 8.03 15.57
CA SER A 281 3.66 7.61 14.39
C SER A 281 4.02 6.17 14.05
N TYR A 282 3.00 5.31 13.98
CA TYR A 282 3.19 3.87 13.79
C TYR A 282 2.69 3.45 12.43
N VAL A 283 3.48 2.66 11.71
CA VAL A 283 3.04 2.13 10.42
C VAL A 283 2.18 0.89 10.72
N CYS A 284 0.98 0.79 10.15
CA CYS A 284 0.11 -0.39 10.36
C CYS A 284 -0.18 -1.17 9.09
N ASP A 285 0.31 -0.70 7.95
CA ASP A 285 -0.09 -1.26 6.65
C ASP A 285 0.87 -0.69 5.60
N VAL A 286 1.42 -1.56 4.74
CA VAL A 286 2.22 -1.09 3.59
C VAL A 286 1.63 -1.72 2.33
N ASN A 287 1.12 -0.89 1.44
CA ASN A 287 0.36 -1.39 0.29
C ASN A 287 1.11 -1.50 -1.03
N GLY A 288 2.29 -0.87 -1.11
CA GLY A 288 2.97 -0.75 -2.39
C GLY A 288 2.23 0.21 -3.31
N PHE A 289 2.26 -0.06 -4.61
CA PHE A 289 1.83 0.93 -5.60
C PHE A 289 0.41 1.38 -5.36
N SER A 290 0.32 2.71 -5.20
N SER A 290 0.18 2.64 -5.02
CA SER A 290 -0.89 3.46 -4.91
CA SER A 290 -1.21 2.97 -4.67
C SER A 290 -0.67 4.94 -5.25
C SER A 290 -1.64 4.31 -5.21
N PHE A 291 -1.58 5.51 -6.05
N PHE A 291 -2.96 4.49 -5.32
CA PHE A 291 -1.57 6.94 -6.40
CA PHE A 291 -3.47 5.60 -6.09
C PHE A 291 -2.66 7.65 -5.58
C PHE A 291 -4.06 6.74 -5.27
N VAL A 292 -2.58 8.97 -5.48
N VAL A 292 -3.37 7.87 -5.32
CA VAL A 292 -3.63 9.80 -4.86
CA VAL A 292 -3.87 9.16 -4.87
C VAL A 292 -4.82 10.04 -5.82
C VAL A 292 -4.95 9.51 -5.87
N LYS A 293 -6.08 9.94 -5.33
CA LYS A 293 -7.29 10.03 -6.16
C LYS A 293 -7.82 11.43 -6.49
N ASN A 294 -7.32 12.49 -5.86
CA ASN A 294 -7.91 13.81 -6.18
C ASN A 294 -6.96 15.01 -6.36
N SER A 295 -5.67 14.83 -6.09
CA SER A 295 -4.74 15.97 -6.08
C SER A 295 -4.04 16.21 -7.42
N MET A 296 -4.38 17.30 -8.11
CA MET A 296 -3.69 17.67 -9.35
C MET A 296 -2.19 17.92 -9.13
N LYS A 297 -1.83 18.51 -8.00
CA LYS A 297 -0.41 18.75 -7.71
C LYS A 297 0.36 17.44 -7.50
N TYR A 298 -0.28 16.47 -6.85
CA TYR A 298 0.33 15.13 -6.75
C TYR A 298 0.63 14.56 -8.14
N TYR A 299 -0.35 14.61 -9.03
CA TYR A 299 -0.13 14.12 -10.41
C TYR A 299 1.06 14.81 -11.06
N ASP A 300 1.14 16.14 -10.92
CA ASP A 300 2.28 16.90 -11.43
C ASP A 300 3.62 16.40 -10.88
N ASP A 301 3.69 16.31 -9.55
CA ASP A 301 4.92 15.99 -8.83
C ASP A 301 5.35 14.57 -9.10
N CYS A 302 4.38 13.65 -9.07
CA CYS A 302 4.65 12.25 -9.27
C CYS A 302 5.20 11.98 -10.67
N ALA A 303 4.54 12.51 -11.69
CA ALA A 303 5.02 12.36 -13.07
C ALA A 303 6.41 12.96 -13.26
N LYS A 304 6.63 14.14 -12.69
CA LYS A 304 7.94 14.79 -12.82
CA LYS A 304 7.94 14.81 -12.80
C LYS A 304 9.06 13.99 -12.15
N ILE A 305 8.81 13.47 -10.95
CA ILE A 305 9.82 12.69 -10.25
C ILE A 305 10.11 11.37 -10.98
N LEU A 306 9.04 10.69 -11.42
CA LEU A 306 9.23 9.45 -12.15
C LEU A 306 10.02 9.69 -13.44
N GLY A 307 9.63 10.71 -14.20
CA GLY A 307 10.35 11.07 -15.43
C GLY A 307 11.83 11.37 -15.15
N ASN A 308 12.11 12.15 -14.11
CA ASN A 308 13.49 12.44 -13.71
C ASN A 308 14.27 11.20 -13.29
N ILE A 309 13.63 10.28 -12.58
CA ILE A 309 14.25 9.02 -12.22
C ILE A 309 14.67 8.25 -13.49
N VAL A 310 13.75 8.18 -14.45
CA VAL A 310 14.00 7.52 -15.73
C VAL A 310 15.18 8.17 -16.46
N MET A 311 15.12 9.50 -16.59
CA MET A 311 16.19 10.25 -17.25
C MET A 311 17.55 10.09 -16.56
N ARG A 312 17.58 10.25 -15.24
N ARG A 312 17.58 10.22 -15.23
CA ARG A 312 18.82 10.06 -14.45
CA ARG A 312 18.83 10.09 -14.47
C ARG A 312 19.47 8.73 -14.79
C ARG A 312 19.48 8.72 -14.66
N GLU A 313 18.66 7.67 -14.71
CA GLU A 313 19.14 6.32 -14.88
C GLU A 313 19.54 6.01 -16.33
N LEU A 314 18.76 6.50 -17.29
CA LEU A 314 18.87 6.00 -18.66
C LEU A 314 19.42 6.99 -19.70
N ALA A 315 19.40 8.29 -19.41
CA ALA A 315 19.90 9.28 -20.37
C ALA A 315 21.35 9.00 -20.82
N PRO A 316 22.27 8.67 -19.88
CA PRO A 316 23.67 8.46 -20.31
C PRO A 316 23.80 7.36 -21.36
N GLN A 317 23.10 6.26 -21.12
CA GLN A 317 23.03 5.10 -22.00
C GLN A 317 22.49 5.46 -23.38
N PHE A 318 21.56 6.41 -23.43
CA PHE A 318 20.93 6.83 -24.68
C PHE A 318 21.62 8.05 -25.30
N HIS A 319 22.72 8.46 -24.67
CA HIS A 319 23.49 9.65 -25.09
C HIS A 319 22.62 10.91 -25.11
N ILE A 320 21.79 11.07 -24.08
CA ILE A 320 20.94 12.25 -23.95
C ILE A 320 21.48 13.09 -22.80
N PRO A 321 21.66 14.41 -23.02
CA PRO A 321 22.15 15.22 -21.92
C PRO A 321 21.10 15.34 -20.82
N TRP A 322 21.52 15.16 -19.58
CA TRP A 322 20.61 15.34 -18.46
C TRP A 322 21.30 15.96 -17.25
N SER A 323 20.71 17.03 -16.73
CA SER A 323 21.12 17.66 -15.49
C SER A 323 19.96 17.48 -14.50
N ILE A 324 20.22 16.82 -13.37
CA ILE A 324 19.10 16.50 -12.47
C ILE A 324 18.63 17.74 -11.69
N PRO A 325 17.31 18.03 -11.77
CA PRO A 325 16.77 19.22 -11.16
C PRO A 325 16.34 19.01 -9.71
N LEU A 326 16.06 20.11 -9.02
CA LEU A 326 15.54 20.05 -7.66
C LEU A 326 14.13 19.49 -7.67
N GLU A 327 13.81 18.76 -6.61
CA GLU A 327 12.47 18.21 -6.44
C GLU A 327 11.96 18.54 -5.04
N ALA A 328 10.67 18.85 -4.96
CA ALA A 328 10.00 19.08 -3.69
C ALA A 328 9.98 17.80 -2.87
N GLU A 329 9.80 17.92 -1.56
CA GLU A 329 9.74 16.77 -0.66
C GLU A 329 8.31 16.36 -0.29
N ASP A 330 7.36 17.24 -0.59
CA ASP A 330 5.94 16.92 -0.47
C ASP A 330 5.09 17.77 -1.41
#